data_5XRF
#
_entry.id   5XRF
#
_cell.length_a   87.481
_cell.length_b   87.481
_cell.length_c   104.674
_cell.angle_alpha   90.00
_cell.angle_beta   90.00
_cell.angle_gamma   120.00
#
_symmetry.space_group_name_H-M   'P 32 2 1'
#
loop_
_entity.id
_entity.type
_entity.pdbx_description
1 polymer 'Snake venom serine protease Da-36'
2 branched beta-D-mannopyranose-(1-4)-2-acetamido-2-deoxy-beta-D-glucopyranose-(1-4)-[alpha-L-fucopyranose-(1-6)]2-acetamido-2-deoxy-beta-D-glucopyranose
3 branched alpha-D-mannopyranose-(1-6)-beta-D-mannopyranose-(1-4)-2-acetamido-2-deoxy-beta-D-glucopyranose-(1-4)-[alpha-L-fucopyranose-(1-6)]2-acetamido-2-deoxy-beta-D-glucopyranose
4 non-polymer DI(HYDROXYETHYL)ETHER
5 water water
#
_entity_poly.entity_id   1
_entity_poly.type   'polypeptide(L)'
_entity_poly.pdbx_seq_one_letter_code
;QKSSELVIGGNECDTNEHRFLAAFFTSRPWTFQCAGTLIHEEWVLAAAHCYKRGLNIYLGMHNQSIQFDDEQRRYAIEEH
YYRCDEKLTKWEKDVVLLKLNKPVSNSTHIAPLSLPSSPPSIGSVCRVMGWGIMSSTKDILPDVPHCANINLLNYMECVA
HYPDVPETTRLLCAGVLEGGIDTCNQDSGGPLICDGQFQGIVFFGKYPCAQPNKPGLYTRVSNYNDWIQNIIAGKTTTAC
PP
;
_entity_poly.pdbx_strand_id   A
#
# COMPACT_ATOMS: atom_id res chain seq x y z
N VAL A 7 -8.85 -5.76 -5.72
CA VAL A 7 -9.41 -6.41 -4.55
C VAL A 7 -10.54 -7.34 -4.96
N ILE A 8 -10.44 -8.60 -4.54
CA ILE A 8 -11.40 -9.63 -4.88
C ILE A 8 -12.21 -9.97 -3.64
N GLY A 9 -13.51 -10.24 -3.85
CA GLY A 9 -14.39 -10.61 -2.76
C GLY A 9 -14.89 -9.46 -1.93
N GLY A 10 -14.76 -8.23 -2.41
CA GLY A 10 -15.26 -7.08 -1.70
C GLY A 10 -16.28 -6.30 -2.52
N ASN A 11 -16.48 -5.03 -2.18
CA ASN A 11 -17.39 -4.16 -2.90
C ASN A 11 -16.72 -2.81 -3.10
N GLU A 12 -17.36 -1.97 -3.92
CA GLU A 12 -16.87 -0.61 -4.10
C GLU A 12 -16.74 0.08 -2.75
N CYS A 13 -15.61 0.73 -2.54
CA CYS A 13 -15.38 1.45 -1.29
C CYS A 13 -16.40 2.56 -1.12
N ASP A 14 -16.68 2.89 0.14
CA ASP A 14 -17.38 4.13 0.41
C ASP A 14 -16.53 5.31 -0.03
N THR A 15 -17.18 6.33 -0.59
CA THR A 15 -16.46 7.43 -1.20
C THR A 15 -15.61 8.20 -0.21
N ASN A 16 -15.88 8.10 1.09
CA ASN A 16 -15.20 8.89 2.10
C ASN A 16 -14.28 8.07 3.00
N GLU A 17 -14.11 6.77 2.74
CA GLU A 17 -13.34 5.91 3.64
C GLU A 17 -11.92 5.66 3.16
N HIS A 18 -11.43 6.41 2.17
CA HIS A 18 -10.06 6.23 1.67
C HIS A 18 -9.45 7.57 1.30
N ARG A 19 -9.59 8.55 2.19
CA ARG A 19 -9.09 9.90 1.92
C ARG A 19 -7.57 9.95 1.85
N PHE A 20 -6.90 8.93 2.38
CA PHE A 20 -5.46 8.79 2.37
C PHE A 20 -4.95 8.02 1.16
N LEU A 21 -5.84 7.49 0.33
CA LEU A 21 -5.43 6.59 -0.74
C LEU A 21 -4.99 7.39 -1.96
N ALA A 22 -3.74 7.21 -2.36
CA ALA A 22 -3.17 7.88 -3.53
C ALA A 22 -3.18 6.93 -4.74
N ALA A 23 -3.32 7.52 -5.92
CA ALA A 23 -3.32 6.76 -7.17
C ALA A 23 -2.20 7.26 -8.07
N PHE A 24 -1.44 6.33 -8.65
CA PHE A 24 -0.35 6.64 -9.56
C PHE A 24 -0.78 6.38 -11.00
N PHE A 25 -0.47 7.32 -11.89
CA PHE A 25 -0.82 7.24 -13.30
C PHE A 25 0.39 7.59 -14.15
N THR A 26 0.53 6.92 -15.29
CA THR A 26 1.38 7.45 -16.34
C THR A 26 0.67 8.60 -17.03
N SER A 27 1.45 9.44 -17.72
CA SER A 27 0.88 10.61 -18.39
C SER A 27 0.25 10.24 -19.72
N ARG A 28 1.04 9.63 -20.61
CA ARG A 28 0.53 9.23 -21.92
C ARG A 28 1.03 7.81 -22.28
N PRO A 29 0.12 6.75 -22.41
CA PRO A 29 -1.30 7.06 -22.18
C PRO A 29 -1.60 7.31 -20.70
N TRP A 30 -2.80 7.76 -20.38
CA TRP A 30 -3.15 8.04 -19.00
C TRP A 30 -3.71 6.76 -18.40
N THR A 31 -2.85 6.00 -17.72
CA THR A 31 -3.16 4.64 -17.30
C THR A 31 -2.80 4.46 -15.82
N PHE A 32 -3.75 3.93 -15.05
CA PHE A 32 -3.51 3.67 -13.63
C PHE A 32 -2.43 2.61 -13.46
N GLN A 33 -1.48 2.88 -12.58
CA GLN A 33 -0.38 1.97 -12.30
C GLN A 33 -0.58 1.23 -10.98
N CYS A 34 -0.70 1.97 -9.89
CA CYS A 34 -0.90 1.36 -8.57
C CYS A 34 -1.33 2.44 -7.58
N ALA A 35 -1.16 2.18 -6.30
CA ALA A 35 -1.63 3.09 -5.27
C ALA A 35 -0.51 3.40 -4.28
N GLY A 36 -0.85 4.28 -3.33
CA GLY A 36 0.05 4.66 -2.27
C GLY A 36 -0.77 5.25 -1.14
N THR A 37 -0.09 5.61 -0.06
CA THR A 37 -0.74 6.11 1.14
C THR A 37 -0.17 7.48 1.50
N LEU A 38 -1.03 8.49 1.51
CA LEU A 38 -0.65 9.79 2.02
C LEU A 38 -0.51 9.73 3.54
N ILE A 39 0.71 9.95 4.04
CA ILE A 39 0.99 9.89 5.47
C ILE A 39 1.26 11.26 6.07
N HIS A 40 1.27 12.30 5.25
CA HIS A 40 1.66 13.64 5.67
C HIS A 40 1.27 14.58 4.54
N GLU A 41 1.08 15.85 4.87
CA GLU A 41 0.58 16.79 3.87
C GLU A 41 1.47 16.85 2.63
N GLU A 42 2.73 16.39 2.72
CA GLU A 42 3.60 16.41 1.55
C GLU A 42 4.46 15.15 1.45
N TRP A 43 3.99 14.03 2.00
CA TRP A 43 4.72 12.77 1.88
C TRP A 43 3.75 11.62 1.61
N VAL A 44 4.14 10.75 0.68
CA VAL A 44 3.39 9.55 0.35
C VAL A 44 4.31 8.34 0.52
N LEU A 45 3.77 7.28 1.11
CA LEU A 45 4.48 6.01 1.24
C LEU A 45 3.91 5.01 0.24
N ALA A 46 4.78 4.41 -0.57
CA ALA A 46 4.36 3.52 -1.64
C ALA A 46 5.25 2.29 -1.66
N ALA A 47 5.00 1.41 -2.62
CA ALA A 47 5.77 0.19 -2.78
C ALA A 47 6.83 0.41 -3.86
N ALA A 48 8.05 -0.04 -3.58
CA ALA A 48 9.15 0.20 -4.51
C ALA A 48 8.97 -0.55 -5.82
N HIS A 49 8.30 -1.70 -5.81
CA HIS A 49 8.27 -2.55 -6.99
C HIS A 49 7.31 -2.06 -8.07
N CYS A 50 6.35 -1.19 -7.74
CA CYS A 50 5.40 -0.68 -8.73
C CYS A 50 5.61 0.79 -9.06
N TYR A 51 6.40 1.52 -8.29
CA TYR A 51 6.63 2.94 -8.55
C TYR A 51 7.78 3.13 -9.51
N LYS A 52 7.63 4.11 -10.41
CA LYS A 52 8.70 4.51 -11.29
C LYS A 52 8.70 6.02 -11.42
N ARG A 53 9.82 6.59 -11.73
CA ARG A 53 9.96 8.03 -11.81
C ARG A 53 9.03 8.68 -12.80
N GLY A 54 8.53 9.83 -12.43
CA GLY A 54 7.69 10.63 -13.31
C GLY A 54 6.22 10.31 -13.28
N LEU A 55 5.77 9.38 -12.45
CA LEU A 55 4.36 9.07 -12.37
C LEU A 55 3.59 10.24 -11.75
N ASN A 56 2.37 10.46 -12.24
CA ASN A 56 1.46 11.43 -11.64
C ASN A 56 0.85 10.84 -10.38
N ILE A 57 0.72 11.68 -9.35
CA ILE A 57 0.18 11.27 -8.06
C ILE A 57 -1.11 12.04 -7.82
N TYR A 58 -2.21 11.32 -7.68
CA TYR A 58 -3.52 11.91 -7.47
C TYR A 58 -4.01 11.62 -6.06
N LEU A 59 -4.39 12.68 -5.35
CA LEU A 59 -5.05 12.58 -4.05
C LEU A 59 -6.51 12.99 -4.21
N GLY A 60 -7.39 12.28 -3.51
CA GLY A 60 -8.80 12.58 -3.61
C GLY A 60 -9.48 12.02 -4.84
N MET A 61 -8.98 10.90 -5.37
CA MET A 61 -9.61 10.22 -6.49
C MET A 61 -10.42 9.04 -5.99
N HIS A 62 -11.60 8.86 -6.58
CA HIS A 62 -12.42 7.68 -6.33
C HIS A 62 -12.66 6.98 -7.65
N ASN A 63 -13.63 7.47 -8.41
CA ASN A 63 -13.85 6.99 -9.77
C ASN A 63 -12.82 7.62 -10.70
N GLN A 64 -12.06 6.78 -11.40
CA GLN A 64 -10.99 7.28 -12.25
C GLN A 64 -11.51 8.13 -13.40
N SER A 65 -12.78 7.97 -13.78
CA SER A 65 -13.38 8.77 -14.84
C SER A 65 -13.95 10.07 -14.34
N ILE A 66 -13.82 10.38 -13.06
CA ILE A 66 -14.39 11.57 -12.45
C ILE A 66 -13.29 12.36 -11.77
N GLN A 67 -13.38 13.69 -11.84
CA GLN A 67 -12.47 14.58 -11.14
C GLN A 67 -13.29 15.38 -10.12
N PHE A 68 -13.24 14.96 -8.85
CA PHE A 68 -13.86 15.74 -7.80
C PHE A 68 -13.27 17.14 -7.75
N ASP A 69 -14.07 18.08 -7.24
CA ASP A 69 -13.63 19.47 -7.18
C ASP A 69 -12.39 19.65 -6.32
N ASP A 70 -12.18 18.75 -5.35
CA ASP A 70 -11.05 18.85 -4.43
C ASP A 70 -9.91 17.90 -4.79
N GLU A 71 -9.95 17.26 -5.96
CA GLU A 71 -8.87 16.39 -6.36
C GLU A 71 -7.59 17.19 -6.55
N GLN A 72 -6.47 16.62 -6.12
CA GLN A 72 -5.16 17.24 -6.21
C GLN A 72 -4.20 16.33 -6.96
N ARG A 73 -3.41 16.93 -7.86
CA ARG A 73 -2.39 16.21 -8.59
C ARG A 73 -1.02 16.69 -8.16
N ARG A 74 -0.09 15.74 -7.96
CA ARG A 74 1.26 16.05 -7.52
C ARG A 74 2.24 15.14 -8.24
N TYR A 75 3.52 15.37 -7.97
CA TYR A 75 4.58 14.48 -8.43
C TYR A 75 5.66 14.45 -7.36
N ALA A 76 6.51 13.42 -7.42
CA ALA A 76 7.55 13.25 -6.43
C ALA A 76 8.75 14.11 -6.77
N ILE A 77 9.23 14.89 -5.80
CA ILE A 77 10.46 15.67 -5.96
C ILE A 77 11.60 14.94 -5.28
N GLU A 78 11.28 14.15 -4.25
CA GLU A 78 12.24 13.27 -3.60
C GLU A 78 11.71 11.84 -3.60
N GLU A 79 12.62 10.88 -3.77
CA GLU A 79 12.28 9.46 -3.83
C GLU A 79 13.28 8.71 -2.98
N HIS A 80 12.86 8.29 -1.78
CA HIS A 80 13.74 7.66 -0.81
C HIS A 80 13.49 6.16 -0.79
N TYR A 81 14.53 5.39 -1.09
CA TYR A 81 14.51 3.94 -0.94
C TYR A 81 15.26 3.54 0.31
N TYR A 82 14.93 2.37 0.85
CA TYR A 82 15.50 1.92 2.10
C TYR A 82 16.87 1.30 1.82
N ARG A 83 17.93 2.05 2.10
CA ARG A 83 19.29 1.59 1.84
C ARG A 83 20.09 1.54 3.13
N CYS A 84 19.59 0.83 4.14
CA CYS A 84 20.22 0.78 5.44
C CYS A 84 20.92 -0.54 5.75
N ASP A 85 20.53 -1.62 5.10
CA ASP A 85 21.05 -2.95 5.42
C ASP A 85 21.21 -3.71 4.11
N GLU A 86 22.45 -3.81 3.64
CA GLU A 86 22.72 -4.48 2.38
C GLU A 86 22.39 -5.97 2.42
N LYS A 87 22.25 -6.56 3.62
CA LYS A 87 21.89 -7.96 3.71
C LYS A 87 20.41 -8.21 3.51
N LEU A 88 19.58 -7.17 3.60
CA LEU A 88 18.15 -7.35 3.36
C LEU A 88 17.90 -7.70 1.90
N THR A 89 17.03 -8.68 1.68
CA THR A 89 16.64 -9.04 0.34
C THR A 89 15.62 -8.04 -0.20
N LYS A 90 15.32 -8.15 -1.49
CA LYS A 90 14.34 -7.25 -2.09
C LYS A 90 12.97 -7.40 -1.45
N TRP A 91 12.67 -8.59 -0.92
CA TRP A 91 11.38 -8.80 -0.26
C TRP A 91 11.27 -8.07 1.06
N GLU A 92 12.39 -7.60 1.63
CA GLU A 92 12.42 -7.05 2.97
C GLU A 92 12.56 -5.54 3.01
N LYS A 93 12.37 -4.86 1.87
CA LYS A 93 12.59 -3.42 1.82
C LYS A 93 11.84 -2.77 0.68
N ASP A 94 10.61 -3.22 0.43
CA ASP A 94 9.86 -2.79 -0.75
C ASP A 94 9.08 -1.49 -0.48
N VAL A 95 9.75 -0.50 0.10
CA VAL A 95 9.14 0.80 0.36
C VAL A 95 9.83 1.86 -0.48
N VAL A 96 9.06 2.88 -0.84
CA VAL A 96 9.61 4.12 -1.37
C VAL A 96 8.86 5.27 -0.71
N LEU A 97 9.61 6.21 -0.15
CA LEU A 97 9.04 7.38 0.51
C LEU A 97 9.16 8.57 -0.44
N LEU A 98 8.03 9.14 -0.81
CA LEU A 98 7.96 10.19 -1.82
C LEU A 98 7.58 11.51 -1.17
N LYS A 99 8.35 12.56 -1.47
CA LYS A 99 8.00 13.91 -1.09
C LYS A 99 7.27 14.58 -2.25
N LEU A 100 6.13 15.19 -1.97
CA LEU A 100 5.33 15.80 -3.00
C LEU A 100 5.86 17.18 -3.35
N ASN A 101 5.66 17.59 -4.61
CA ASN A 101 6.12 18.88 -5.09
C ASN A 101 5.47 20.04 -4.35
N LYS A 102 4.37 19.78 -3.67
CA LYS A 102 3.65 20.79 -2.94
C LYS A 102 2.73 20.12 -1.95
N PRO A 103 2.46 20.72 -0.81
CA PRO A 103 1.59 20.04 0.15
C PRO A 103 0.15 19.95 -0.36
N VAL A 104 -0.60 19.03 0.24
CA VAL A 104 -2.04 18.92 0.02
C VAL A 104 -2.74 19.17 1.35
N SER A 105 -3.72 20.06 1.34
CA SER A 105 -4.52 20.33 2.52
C SER A 105 -5.67 19.33 2.60
N ASN A 106 -6.16 19.13 3.82
CA ASN A 106 -7.32 18.26 4.00
C ASN A 106 -8.50 18.77 3.20
N SER A 107 -9.35 17.84 2.78
CA SER A 107 -10.57 18.16 2.08
C SER A 107 -11.53 16.99 2.25
N THR A 108 -12.69 17.08 1.61
CA THR A 108 -13.67 16.00 1.70
C THR A 108 -13.04 14.65 1.41
N HIS A 109 -12.18 14.59 0.40
CA HIS A 109 -11.63 13.33 -0.08
C HIS A 109 -10.13 13.18 0.17
N ILE A 110 -9.53 14.06 0.97
CA ILE A 110 -8.09 14.05 1.18
C ILE A 110 -7.80 14.24 2.67
N ALA A 111 -7.05 13.31 3.24
CA ALA A 111 -6.51 13.45 4.59
C ALA A 111 -5.43 12.39 4.79
N PRO A 112 -4.34 12.70 5.50
CA PRO A 112 -3.26 11.72 5.66
C PRO A 112 -3.58 10.67 6.71
N LEU A 113 -2.94 9.52 6.54
CA LEU A 113 -3.04 8.40 7.46
C LEU A 113 -1.74 8.26 8.24
N SER A 114 -1.84 8.25 9.56
CA SER A 114 -0.64 8.24 10.40
C SER A 114 0.03 6.88 10.37
N LEU A 115 1.35 6.89 10.58
CA LEU A 115 2.08 5.67 10.78
C LEU A 115 1.55 4.96 12.03
N PRO A 116 1.72 3.63 12.11
CA PRO A 116 1.11 2.90 13.22
C PRO A 116 1.73 3.30 14.55
N SER A 117 0.87 3.43 15.56
CA SER A 117 1.29 3.78 16.91
C SER A 117 1.25 2.61 17.88
N SER A 118 0.72 1.47 17.46
CA SER A 118 0.80 0.23 18.22
C SER A 118 1.21 -0.88 17.28
N PRO A 119 1.76 -1.98 17.80
CA PRO A 119 2.30 -3.02 16.91
C PRO A 119 1.19 -3.89 16.35
N PRO A 120 1.41 -4.56 15.22
CA PRO A 120 0.38 -5.45 14.67
C PRO A 120 0.17 -6.68 15.55
N SER A 121 -1.07 -7.17 15.55
CA SER A 121 -1.46 -8.26 16.44
C SER A 121 -2.27 -9.30 15.66
N ILE A 122 -1.89 -10.57 15.83
CA ILE A 122 -2.57 -11.66 15.14
C ILE A 122 -4.04 -11.65 15.51
N GLY A 123 -4.89 -11.97 14.54
CA GLY A 123 -6.32 -11.97 14.72
C GLY A 123 -7.02 -10.66 14.42
N SER A 124 -6.26 -9.60 14.14
CA SER A 124 -6.86 -8.32 13.77
C SER A 124 -7.64 -8.46 12.47
N VAL A 125 -8.66 -7.62 12.33
CA VAL A 125 -9.37 -7.48 11.06
C VAL A 125 -8.75 -6.33 10.29
N CYS A 126 -8.36 -6.59 9.04
CA CYS A 126 -7.59 -5.63 8.25
C CYS A 126 -8.40 -5.22 7.03
N ARG A 127 -8.48 -3.91 6.80
CA ARG A 127 -9.10 -3.37 5.60
C ARG A 127 -8.06 -3.28 4.50
N VAL A 128 -8.42 -3.79 3.32
CA VAL A 128 -7.61 -3.63 2.11
C VAL A 128 -8.46 -2.90 1.08
N MET A 129 -7.80 -2.20 0.17
CA MET A 129 -8.47 -1.33 -0.79
C MET A 129 -7.56 -1.09 -1.98
N GLY A 130 -8.16 -0.91 -3.16
CA GLY A 130 -7.38 -0.60 -4.33
C GLY A 130 -8.22 -0.66 -5.59
N TRP A 131 -7.60 -0.23 -6.68
CA TRP A 131 -8.18 -0.32 -8.02
C TRP A 131 -7.68 -1.54 -8.79
N GLY A 132 -7.12 -2.52 -8.08
CA GLY A 132 -6.54 -3.68 -8.72
C GLY A 132 -7.58 -4.66 -9.20
N ILE A 133 -7.09 -5.79 -9.72
CA ILE A 133 -7.99 -6.81 -10.27
C ILE A 133 -9.03 -7.18 -9.23
N MET A 134 -10.26 -7.25 -9.66
CA MET A 134 -11.36 -7.55 -8.79
C MET A 134 -12.12 -8.85 -9.04
N SER A 135 -11.59 -9.70 -9.90
CA SER A 135 -12.16 -11.02 -10.13
C SER A 135 -11.03 -12.05 -10.20
N SER A 136 -11.25 -13.18 -9.52
CA SER A 136 -10.28 -14.27 -9.54
C SER A 136 -10.32 -15.07 -10.84
N THR A 137 -11.33 -14.88 -11.67
CA THR A 137 -11.46 -15.61 -12.92
C THR A 137 -11.20 -14.76 -14.16
N LYS A 138 -11.32 -13.44 -14.05
CA LYS A 138 -11.04 -12.52 -15.14
C LYS A 138 -10.26 -11.33 -14.60
N ASP A 139 -9.32 -10.84 -15.40
CA ASP A 139 -8.46 -9.73 -14.98
C ASP A 139 -9.16 -8.38 -15.21
N ILE A 140 -10.26 -8.21 -14.49
CA ILE A 140 -11.10 -7.02 -14.61
C ILE A 140 -10.58 -5.96 -13.65
N LEU A 141 -10.28 -4.77 -14.19
CA LEU A 141 -9.85 -3.64 -13.38
C LEU A 141 -11.01 -2.67 -13.21
N PRO A 142 -11.44 -2.35 -12.00
CA PRO A 142 -12.54 -1.39 -11.83
C PRO A 142 -12.09 0.04 -12.06
N ASP A 143 -13.07 0.89 -12.34
CA ASP A 143 -12.83 2.33 -12.36
C ASP A 143 -12.97 2.98 -10.99
N VAL A 144 -13.52 2.26 -10.01
CA VAL A 144 -13.61 2.74 -8.63
C VAL A 144 -12.84 1.79 -7.73
N PRO A 145 -12.36 2.24 -6.57
CA PRO A 145 -11.64 1.34 -5.67
C PRO A 145 -12.61 0.40 -4.95
N HIS A 146 -12.16 -0.84 -4.76
CA HIS A 146 -12.91 -1.83 -4.00
C HIS A 146 -12.25 -2.06 -2.65
N CYS A 147 -13.09 -2.32 -1.64
CA CYS A 147 -12.67 -2.49 -0.27
C CYS A 147 -13.13 -3.86 0.24
N ALA A 148 -12.35 -4.45 1.14
CA ALA A 148 -12.69 -5.73 1.73
C ALA A 148 -11.94 -5.90 3.05
N ASN A 149 -12.41 -6.86 3.84
CA ASN A 149 -11.81 -7.20 5.13
C ASN A 149 -11.12 -8.56 5.04
N ILE A 150 -9.91 -8.63 5.58
CA ILE A 150 -9.16 -9.86 5.72
C ILE A 150 -8.61 -9.93 7.16
N ASN A 151 -7.95 -11.03 7.47
CA ASN A 151 -7.42 -11.25 8.82
C ASN A 151 -5.90 -11.23 8.81
N LEU A 152 -5.32 -10.64 9.85
CA LEU A 152 -3.89 -10.74 10.08
C LEU A 152 -3.60 -12.13 10.64
N LEU A 153 -2.85 -12.93 9.88
CA LEU A 153 -2.64 -14.33 10.20
C LEU A 153 -1.24 -14.56 10.72
N ASN A 154 -1.07 -15.67 11.44
CA ASN A 154 0.25 -16.15 11.80
C ASN A 154 1.11 -16.26 10.55
N TYR A 155 2.34 -15.76 10.65
CA TYR A 155 3.26 -15.81 9.51
C TYR A 155 3.48 -17.24 9.03
N MET A 156 3.23 -18.21 9.88
CA MET A 156 3.38 -19.61 9.54
C MET A 156 2.44 -19.99 8.41
N GLU A 157 1.32 -19.32 8.31
CA GLU A 157 0.33 -19.61 7.27
C GLU A 157 0.83 -19.23 5.88
N CYS A 158 1.82 -18.34 5.79
CA CYS A 158 2.37 -17.90 4.51
C CYS A 158 3.67 -18.59 4.14
N VAL A 159 4.51 -18.90 5.13
CA VAL A 159 5.91 -19.20 4.86
C VAL A 159 6.06 -20.33 3.87
N ALA A 160 5.20 -21.35 3.97
CA ALA A 160 5.38 -22.55 3.15
C ALA A 160 5.05 -22.31 1.68
N HIS A 161 4.32 -21.26 1.35
CA HIS A 161 3.90 -21.02 -0.02
C HIS A 161 4.86 -20.13 -0.81
N TYR A 162 5.92 -19.62 -0.18
CA TYR A 162 6.84 -18.70 -0.83
C TYR A 162 8.28 -19.16 -0.58
N PRO A 163 8.67 -20.29 -1.17
CA PRO A 163 10.07 -20.74 -1.03
C PRO A 163 11.10 -19.67 -1.38
N ASP A 164 10.84 -18.87 -2.42
CA ASP A 164 11.80 -17.87 -2.85
C ASP A 164 12.02 -16.77 -1.81
N VAL A 165 11.09 -16.60 -0.88
CA VAL A 165 11.17 -15.55 0.13
C VAL A 165 11.87 -16.13 1.35
N PRO A 166 13.04 -15.63 1.75
CA PRO A 166 13.68 -16.15 2.96
C PRO A 166 12.87 -15.79 4.20
N GLU A 167 13.17 -16.48 5.27
CA GLU A 167 12.59 -16.26 6.58
C GLU A 167 12.81 -14.81 6.93
N THR A 168 11.81 -14.12 7.44
CA THR A 168 11.98 -12.71 7.79
C THR A 168 10.96 -12.32 8.85
N THR A 169 11.25 -11.21 9.52
CA THR A 169 10.32 -10.60 10.46
C THR A 169 9.72 -9.31 9.91
N ARG A 170 10.04 -8.94 8.67
CA ARG A 170 9.69 -7.65 8.11
C ARG A 170 8.50 -7.72 7.17
N LEU A 171 7.73 -8.81 7.21
CA LEU A 171 6.54 -8.97 6.39
C LEU A 171 5.39 -9.47 7.25
N LEU A 172 4.17 -9.10 6.85
CA LEU A 172 2.96 -9.54 7.52
C LEU A 172 2.20 -10.50 6.61
N CYS A 173 1.64 -11.54 7.21
CA CYS A 173 0.79 -12.51 6.51
C CYS A 173 -0.66 -12.16 6.79
N ALA A 174 -1.44 -11.96 5.73
CA ALA A 174 -2.84 -11.57 5.88
C ALA A 174 -3.66 -12.11 4.73
N GLY A 175 -4.92 -12.40 5.02
CA GLY A 175 -5.84 -12.90 4.02
C GLY A 175 -6.99 -13.66 4.67
N VAL A 176 -7.57 -14.55 3.87
CA VAL A 176 -8.69 -15.40 4.29
C VAL A 176 -8.37 -16.82 3.86
N LEU A 177 -8.24 -17.73 4.83
CA LEU A 177 -7.73 -19.06 4.52
C LEU A 177 -8.68 -19.85 3.62
N GLU A 178 -9.98 -19.64 3.77
CA GLU A 178 -10.91 -20.36 2.90
C GLU A 178 -10.93 -19.83 1.48
N GLY A 179 -10.19 -18.75 1.18
CA GLY A 179 -10.21 -18.18 -0.15
C GLY A 179 -11.40 -17.24 -0.35
N GLY A 180 -11.44 -16.62 -1.53
CA GLY A 180 -12.54 -15.77 -1.93
C GLY A 180 -12.30 -14.28 -1.74
N ILE A 181 -11.40 -13.89 -0.83
CA ILE A 181 -11.11 -12.49 -0.57
C ILE A 181 -9.60 -12.31 -0.57
N ASP A 182 -9.12 -11.33 -1.34
CA ASP A 182 -7.68 -11.17 -1.51
C ASP A 182 -7.42 -9.90 -2.31
N THR A 183 -6.22 -9.34 -2.13
CA THR A 183 -5.71 -8.34 -3.04
C THR A 183 -5.11 -9.03 -4.26
N CYS A 184 -4.99 -8.28 -5.35
CA CYS A 184 -4.55 -8.85 -6.62
C CYS A 184 -3.74 -7.80 -7.36
N ASN A 185 -3.43 -8.08 -8.63
CA ASN A 185 -2.51 -7.23 -9.38
C ASN A 185 -3.00 -5.79 -9.41
N GLN A 186 -2.07 -4.87 -9.17
CA GLN A 186 -2.26 -3.42 -9.20
C GLN A 186 -2.98 -2.91 -7.95
N ASP A 187 -3.19 -3.77 -6.96
CA ASP A 187 -3.43 -3.30 -5.60
C ASP A 187 -2.14 -2.90 -4.89
N SER A 188 -0.98 -3.17 -5.51
CA SER A 188 0.31 -2.86 -4.92
C SER A 188 0.36 -1.42 -4.41
N GLY A 189 0.99 -1.24 -3.25
CA GLY A 189 1.18 0.07 -2.67
C GLY A 189 0.07 0.53 -1.76
N GLY A 190 -1.10 -0.09 -1.82
CA GLY A 190 -2.22 0.30 -1.00
C GLY A 190 -1.98 -0.06 0.45
N PRO A 191 -2.71 0.59 1.37
CA PRO A 191 -2.52 0.33 2.80
C PRO A 191 -3.34 -0.85 3.30
N LEU A 192 -2.73 -1.59 4.22
CA LEU A 192 -3.41 -2.62 5.00
C LEU A 192 -3.65 -2.04 6.39
N ILE A 193 -4.92 -1.81 6.72
CA ILE A 193 -5.29 -1.09 7.93
C ILE A 193 -5.95 -2.08 8.87
N CYS A 194 -5.19 -2.51 9.89
CA CYS A 194 -5.62 -3.53 10.83
C CYS A 194 -6.01 -2.86 12.15
N ASP A 195 -7.24 -3.07 12.59
CA ASP A 195 -7.75 -2.49 13.82
C ASP A 195 -7.49 -0.98 13.85
N GLY A 196 -7.71 -0.33 12.71
CA GLY A 196 -7.55 1.11 12.60
C GLY A 196 -6.14 1.61 12.41
N GLN A 197 -5.15 0.73 12.37
CA GLN A 197 -3.75 1.13 12.27
C GLN A 197 -3.18 0.78 10.90
N PHE A 198 -2.42 1.71 10.33
CA PHE A 198 -1.68 1.50 9.09
C PHE A 198 -0.52 0.54 9.34
N GLN A 199 -0.75 -0.77 9.15
CA GLN A 199 0.24 -1.77 9.50
C GLN A 199 0.96 -2.40 8.32
N GLY A 200 0.41 -2.33 7.12
CA GLY A 200 1.01 -3.02 5.99
C GLY A 200 0.80 -2.30 4.68
N ILE A 201 1.64 -2.66 3.70
CA ILE A 201 1.51 -2.21 2.33
C ILE A 201 1.37 -3.43 1.44
N VAL A 202 0.41 -3.37 0.50
CA VAL A 202 0.21 -4.48 -0.42
C VAL A 202 1.49 -4.75 -1.20
N PHE A 203 1.94 -6.00 -1.15
CA PHE A 203 3.17 -6.40 -1.83
C PHE A 203 2.86 -7.42 -2.92
N PHE A 204 2.71 -8.69 -2.53
CA PHE A 204 2.47 -9.74 -3.52
C PHE A 204 1.77 -10.92 -2.86
N GLY A 205 1.17 -11.75 -3.66
CA GLY A 205 0.51 -12.94 -3.24
C GLY A 205 0.58 -13.97 -4.34
N LYS A 206 -0.46 -14.74 -4.48
CA LYS A 206 -0.51 -15.72 -5.52
C LYS A 206 -1.54 -15.36 -6.57
N TYR A 207 -1.21 -15.75 -7.78
CA TYR A 207 -2.05 -15.56 -8.92
C TYR A 207 -2.25 -16.97 -9.51
N PRO A 208 -3.50 -17.52 -9.76
CA PRO A 208 -4.69 -16.75 -9.41
C PRO A 208 -4.82 -16.34 -7.98
N CYS A 209 -5.53 -15.26 -7.79
CA CYS A 209 -5.69 -14.61 -6.52
C CYS A 209 -6.85 -15.17 -5.74
N ALA A 210 -6.78 -15.07 -4.43
CA ALA A 210 -7.85 -15.46 -3.52
C ALA A 210 -8.08 -16.97 -3.49
N GLN A 211 -7.05 -17.77 -3.76
CA GLN A 211 -7.18 -19.21 -3.62
C GLN A 211 -7.23 -19.58 -2.14
N PRO A 212 -7.83 -20.73 -1.79
CA PRO A 212 -7.87 -21.15 -0.39
C PRO A 212 -6.47 -21.43 0.13
N ASN A 213 -6.23 -21.05 1.39
CA ASN A 213 -4.97 -21.31 2.07
C ASN A 213 -3.79 -20.77 1.26
N LYS A 214 -3.98 -19.59 0.67
CA LYS A 214 -2.94 -18.91 -0.10
C LYS A 214 -2.96 -17.42 0.25
N PRO A 215 -2.70 -17.08 1.51
CA PRO A 215 -2.69 -15.67 1.90
C PRO A 215 -1.50 -14.93 1.32
N GLY A 216 -1.60 -13.60 1.32
CA GLY A 216 -0.58 -12.75 0.75
C GLY A 216 0.37 -12.18 1.80
N LEU A 217 1.49 -11.66 1.32
CA LEU A 217 2.49 -11.05 2.15
C LEU A 217 2.48 -9.54 1.97
N TYR A 218 2.60 -8.83 3.09
CA TYR A 218 2.47 -7.38 3.12
C TYR A 218 3.69 -6.76 3.81
N THR A 219 4.22 -5.70 3.21
CA THR A 219 5.35 -5.01 3.82
C THR A 219 4.94 -4.46 5.19
N ARG A 220 5.76 -4.74 6.19
CA ARG A 220 5.45 -4.39 7.58
C ARG A 220 5.85 -2.95 7.84
N VAL A 221 4.85 -2.07 7.94
CA VAL A 221 5.10 -0.62 7.98
C VAL A 221 5.89 -0.24 9.23
N SER A 222 5.54 -0.83 10.37
CA SER A 222 6.13 -0.38 11.64
C SER A 222 7.64 -0.51 11.66
N ASN A 223 8.23 -1.37 10.83
CA ASN A 223 9.69 -1.44 10.72
C ASN A 223 10.30 -0.12 10.23
N TYR A 224 9.50 0.73 9.61
CA TYR A 224 10.00 1.92 8.92
C TYR A 224 9.65 3.22 9.62
N ASN A 225 8.94 3.17 10.75
CA ASN A 225 8.49 4.39 11.42
C ASN A 225 9.65 5.34 11.69
N ASP A 226 10.67 4.86 12.42
CA ASP A 226 11.78 5.74 12.78
C ASP A 226 12.48 6.29 11.54
N TRP A 227 12.66 5.45 10.53
CA TRP A 227 13.35 5.89 9.31
C TRP A 227 12.55 6.96 8.58
N ILE A 228 11.23 6.75 8.43
CA ILE A 228 10.38 7.73 7.74
C ILE A 228 10.38 9.04 8.50
N GLN A 229 10.16 8.98 9.81
CA GLN A 229 10.07 10.20 10.61
C GLN A 229 11.35 11.02 10.53
N ASN A 230 12.50 10.35 10.51
CA ASN A 230 13.77 11.07 10.40
C ASN A 230 13.90 11.78 9.06
N ILE A 231 13.51 11.11 7.97
CA ILE A 231 13.56 11.73 6.65
C ILE A 231 12.63 12.93 6.59
N ILE A 232 11.40 12.75 7.08
CA ILE A 232 10.46 13.88 7.13
C ILE A 232 11.02 15.01 7.96
N ALA A 233 11.71 14.67 9.07
CA ALA A 233 12.24 15.69 9.95
C ALA A 233 13.43 16.44 9.36
N GLY A 234 13.94 16.00 8.20
CA GLY A 234 15.03 16.69 7.53
C GLY A 234 16.35 15.95 7.57
N LYS A 235 16.44 14.84 8.30
CA LYS A 235 17.69 14.07 8.37
C LYS A 235 18.03 13.50 7.00
N THR A 236 19.23 13.82 6.50
CA THR A 236 19.74 13.21 5.28
C THR A 236 20.54 11.97 5.66
N THR A 237 21.86 12.13 5.84
CA THR A 237 22.60 11.16 6.63
C THR A 237 22.03 11.12 8.05
N THR A 238 22.31 10.03 8.76
CA THR A 238 21.75 9.73 10.07
C THR A 238 20.34 9.15 9.95
N ALA A 239 19.75 9.11 8.75
CA ALA A 239 18.40 8.58 8.60
C ALA A 239 18.30 7.17 9.16
N CYS A 240 19.14 6.26 8.68
CA CYS A 240 19.17 4.88 9.15
C CYS A 240 19.62 4.84 10.61
N PRO A 241 19.57 3.68 11.25
CA PRO A 241 20.10 3.56 12.60
C PRO A 241 21.60 3.30 12.56
N PRO A 242 22.33 3.62 13.64
CA PRO A 242 23.78 3.37 13.68
C PRO A 242 24.13 1.89 13.55
#